data_5EQI
#
_entry.id   5EQI
#
_cell.length_a   122.430
_cell.length_b   102.310
_cell.length_c   68.073
_cell.angle_alpha   90.00
_cell.angle_beta   100.16
_cell.angle_gamma   90.00
#
_symmetry.space_group_name_H-M   'C 1 2 1'
#
loop_
_entity.id
_entity.type
_entity.pdbx_description
1 polymer 'Solute carrier family 2, facilitated glucose transporter member 1'
2 non-polymer 'Cytochalasin B'
#
_entity_poly.entity_id   1
_entity_poly.type   'polypeptide(L)'
_entity_poly.pdbx_seq_one_letter_code
;MEPSSKKLTGRLMLAVGGAVLGSLQFGYNTGVINAPQKVIEEFYNQTWVHRYGESILPTTLTTLWSLSVAIFSVGGMIGS
FSVGLFVNRFGRRNSMLMMNLLAFVSAVLMGFSKLGKSFEMLILGRFIIGVYCGLTTGFVPMYVGEVSPTALRGALGTLH
QLGIVVGILIAQVFGLDSIMGNKDLWPLLLSIIFIPALLQCIVLPFCPESPRFLLINRNEENRAKSVLKKLRGTADVTHD
LQEMKEESRQMMREKKVTILELFRSPAYRQPILIAVVLQLSQQLSGINAVFYYSTSIFEKAGVQQPVYATIGSGIVNTAF
TVVSLFVVERAGRRTLHLIGLAGMAGCAILMTIALALLEQLPWMSYLSIVAIFGFVAFFEVGPGPIPWFIVAELFSQGPR
PAAIAVAGFSNWTSNFIVGMCFQYVEQLCGPYVFIIFTVLLVLFFIFTYFKVPETKGRTFDEIASGFRQGGASQSDKTPE
ELFHPLGADSQV
;
_entity_poly.pdbx_strand_id   A
#
# COMPACT_ATOMS: atom_id res chain seq x y z
N THR A 9 -22.10 -8.00 -16.31
CA THR A 9 -20.73 -8.34 -16.67
C THR A 9 -20.18 -7.35 -17.70
N GLY A 10 -21.08 -6.70 -18.42
CA GLY A 10 -20.69 -5.71 -19.41
C GLY A 10 -20.50 -4.34 -18.80
N ARG A 11 -21.59 -3.75 -18.32
CA ARG A 11 -21.57 -2.44 -17.68
C ARG A 11 -20.76 -2.50 -16.38
N LEU A 12 -20.58 -3.71 -15.87
CA LEU A 12 -19.81 -3.95 -14.65
C LEU A 12 -18.37 -3.49 -14.79
N MET A 13 -17.83 -3.60 -15.99
CA MET A 13 -16.42 -3.27 -16.23
C MET A 13 -16.12 -1.78 -16.07
N LEU A 14 -17.17 -0.97 -15.99
CA LEU A 14 -17.01 0.47 -15.82
C LEU A 14 -16.84 0.82 -14.34
N ALA A 15 -17.76 0.35 -13.51
CA ALA A 15 -17.75 0.66 -12.09
C ALA A 15 -16.48 0.14 -11.42
N VAL A 16 -16.07 -1.08 -11.77
CA VAL A 16 -14.87 -1.68 -11.20
C VAL A 16 -13.64 -0.91 -11.65
N GLY A 17 -13.41 -0.87 -12.96
CA GLY A 17 -12.26 -0.19 -13.52
C GLY A 17 -12.18 1.27 -13.11
N GLY A 18 -13.34 1.86 -12.84
CA GLY A 18 -13.40 3.24 -12.41
C GLY A 18 -12.95 3.41 -10.96
N ALA A 19 -13.19 2.37 -10.17
CA ALA A 19 -12.81 2.40 -8.76
C ALA A 19 -11.33 2.03 -8.58
N VAL A 20 -10.83 1.14 -9.43
CA VAL A 20 -9.45 0.67 -9.36
C VAL A 20 -8.46 1.82 -9.62
N LEU A 21 -8.95 2.89 -10.26
CA LEU A 21 -8.12 4.07 -10.48
C LEU A 21 -7.50 4.54 -9.17
N GLY A 22 -8.25 4.45 -8.08
CA GLY A 22 -7.78 4.86 -6.78
C GLY A 22 -6.67 3.97 -6.25
N SER A 23 -6.73 2.70 -6.62
CA SER A 23 -5.71 1.74 -6.22
C SER A 23 -4.46 1.90 -7.11
N LEU A 24 -4.65 2.35 -8.34
CA LEU A 24 -3.52 2.72 -9.18
C LEU A 24 -2.83 3.93 -8.58
N GLN A 25 -3.62 4.96 -8.31
CA GLN A 25 -3.12 6.19 -7.72
C GLN A 25 -2.49 5.90 -6.36
N PHE A 26 -3.06 4.91 -5.64
CA PHE A 26 -2.50 4.47 -4.36
C PHE A 26 -1.06 3.99 -4.53
N GLY A 27 -0.86 3.03 -5.43
CA GLY A 27 0.46 2.50 -5.70
C GLY A 27 1.40 3.52 -6.30
N TYR A 28 0.85 4.43 -7.09
CA TYR A 28 1.67 5.46 -7.73
C TYR A 28 2.30 6.36 -6.67
N ASN A 29 1.49 6.85 -5.74
CA ASN A 29 1.99 7.73 -4.69
C ASN A 29 2.96 7.02 -3.75
N THR A 30 2.99 5.69 -3.81
CA THR A 30 3.82 4.92 -2.91
C THR A 30 5.28 4.91 -3.35
N GLY A 31 5.50 4.82 -4.67
CA GLY A 31 6.84 4.64 -5.23
C GLY A 31 7.37 5.76 -6.11
N VAL A 32 6.72 6.93 -6.10
CA VAL A 32 7.19 8.05 -6.89
C VAL A 32 8.43 8.66 -6.26
N ILE A 33 8.53 8.59 -4.94
CA ILE A 33 9.61 9.28 -4.23
C ILE A 33 10.86 8.40 -4.10
N ASN A 34 10.94 7.40 -4.98
CA ASN A 34 12.06 6.47 -4.99
C ASN A 34 13.22 7.00 -5.82
N ALA A 35 12.97 7.17 -7.11
CA ALA A 35 14.01 7.58 -8.05
C ALA A 35 14.45 9.04 -7.85
N PRO A 36 13.49 9.99 -7.82
CA PRO A 36 13.85 11.40 -7.78
C PRO A 36 14.29 11.90 -6.40
N GLN A 37 14.86 11.02 -5.59
CA GLN A 37 15.28 11.40 -4.24
C GLN A 37 16.34 12.48 -4.27
N LYS A 38 17.40 12.26 -5.04
CA LYS A 38 18.53 13.16 -5.05
C LYS A 38 18.16 14.56 -5.56
N VAL A 39 17.32 14.62 -6.59
CA VAL A 39 16.93 15.90 -7.17
C VAL A 39 16.07 16.72 -6.20
N ILE A 40 15.14 16.07 -5.49
CA ILE A 40 14.31 16.77 -4.53
C ILE A 40 15.15 17.16 -3.32
N GLU A 41 16.10 16.31 -2.96
CA GLU A 41 17.04 16.62 -1.89
C GLU A 41 17.89 17.82 -2.29
N GLU A 42 18.24 17.89 -3.57
CA GLU A 42 18.99 19.02 -4.09
C GLU A 42 18.12 20.28 -4.02
N PHE A 43 16.81 20.10 -4.19
CA PHE A 43 15.87 21.22 -4.11
C PHE A 43 15.73 21.71 -2.67
N TYR A 44 15.77 20.77 -1.72
CA TYR A 44 15.72 21.13 -0.32
C TYR A 44 16.96 21.96 0.02
N ASN A 45 18.13 21.45 -0.37
CA ASN A 45 19.37 22.17 -0.15
C ASN A 45 19.34 23.54 -0.82
N GLN A 46 18.81 23.58 -2.03
CA GLN A 46 18.69 24.82 -2.78
C GLN A 46 17.80 25.81 -2.04
N THR A 47 16.70 25.31 -1.50
CA THR A 47 15.73 26.15 -0.80
C THR A 47 16.29 26.60 0.56
N TRP A 48 17.06 25.72 1.19
CA TRP A 48 17.63 25.99 2.50
C TRP A 48 18.64 27.14 2.42
N VAL A 49 19.42 27.16 1.35
CA VAL A 49 20.42 28.20 1.13
C VAL A 49 19.76 29.55 0.90
N HIS A 50 18.82 29.59 -0.04
CA HIS A 50 18.12 30.82 -0.40
C HIS A 50 17.57 31.54 0.82
N ARG A 51 17.15 30.76 1.82
CA ARG A 51 16.56 31.32 3.02
C ARG A 51 17.61 31.81 4.00
N TYR A 52 18.56 30.94 4.36
CA TYR A 52 19.49 31.19 5.45
C TYR A 52 20.90 31.54 4.99
N GLY A 53 21.14 31.45 3.69
CA GLY A 53 22.47 31.66 3.15
C GLY A 53 23.45 30.67 3.74
N GLU A 54 23.10 29.39 3.63
CA GLU A 54 23.87 28.32 4.25
C GLU A 54 23.43 26.97 3.68
N SER A 55 24.39 26.12 3.35
CA SER A 55 24.06 24.79 2.85
C SER A 55 23.48 23.94 3.98
N ILE A 56 22.41 23.21 3.70
CA ILE A 56 21.74 22.40 4.71
C ILE A 56 22.69 21.33 5.25
N LEU A 57 22.52 20.99 6.53
CA LEU A 57 23.33 19.94 7.14
C LEU A 57 22.90 18.57 6.61
N PRO A 58 23.85 17.65 6.43
CA PRO A 58 23.54 16.34 5.85
C PRO A 58 22.59 15.52 6.72
N THR A 59 22.70 15.64 8.04
CA THR A 59 21.83 14.91 8.95
C THR A 59 20.42 15.51 8.93
N THR A 60 20.34 16.83 8.76
CA THR A 60 19.06 17.51 8.67
C THR A 60 18.37 17.15 7.35
N LEU A 61 19.14 17.15 6.27
CA LEU A 61 18.62 16.78 4.96
C LEU A 61 18.06 15.36 5.00
N THR A 62 18.64 14.51 5.85
CA THR A 62 18.19 13.14 6.00
C THR A 62 16.80 13.09 6.61
N THR A 63 16.68 13.57 7.84
CA THR A 63 15.43 13.48 8.58
C THR A 63 14.33 14.34 7.95
N LEU A 64 14.73 15.28 7.09
CA LEU A 64 13.76 16.16 6.43
C LEU A 64 13.12 15.45 5.24
N TRP A 65 13.94 14.85 4.38
CA TRP A 65 13.41 14.09 3.26
C TRP A 65 12.77 12.80 3.74
N SER A 66 13.25 12.30 4.87
CA SER A 66 12.69 11.11 5.50
C SER A 66 11.28 11.42 6.02
N LEU A 67 11.11 12.62 6.54
CA LEU A 67 9.81 13.07 7.02
C LEU A 67 8.85 13.26 5.84
N SER A 68 9.42 13.64 4.70
CA SER A 68 8.63 13.91 3.49
C SER A 68 8.03 12.63 2.92
N VAL A 69 8.67 11.50 3.18
CA VAL A 69 8.17 10.21 2.72
C VAL A 69 7.41 9.49 3.82
N ALA A 70 7.81 9.75 5.06
CA ALA A 70 7.23 9.05 6.21
C ALA A 70 5.85 9.60 6.57
N ILE A 71 5.69 10.92 6.46
CA ILE A 71 4.46 11.57 6.89
C ILE A 71 3.27 11.01 6.12
N PHE A 72 3.54 10.50 4.93
CA PHE A 72 2.53 9.87 4.09
C PHE A 72 1.83 8.73 4.82
N SER A 73 2.62 7.93 5.54
CA SER A 73 2.08 6.78 6.25
C SER A 73 1.19 7.24 7.40
N VAL A 74 1.53 8.37 7.99
CA VAL A 74 0.74 8.94 9.08
C VAL A 74 -0.66 9.27 8.58
N GLY A 75 -0.74 9.83 7.37
CA GLY A 75 -2.03 10.12 6.75
C GLY A 75 -2.83 8.85 6.55
N GLY A 76 -2.15 7.80 6.10
CA GLY A 76 -2.80 6.52 5.83
C GLY A 76 -3.49 5.94 7.05
N MET A 77 -2.87 6.10 8.21
CA MET A 77 -3.45 5.64 9.46
C MET A 77 -4.79 6.34 9.69
N ILE A 78 -4.76 7.66 9.67
CA ILE A 78 -5.96 8.46 9.85
C ILE A 78 -6.99 8.08 8.78
N GLY A 79 -6.52 7.97 7.54
CA GLY A 79 -7.37 7.63 6.42
C GLY A 79 -8.09 6.31 6.60
N SER A 80 -7.33 5.28 6.96
CA SER A 80 -7.89 3.94 7.13
C SER A 80 -8.83 3.87 8.32
N PHE A 81 -8.70 4.81 9.24
CA PHE A 81 -9.61 4.87 10.39
C PHE A 81 -10.94 5.48 9.98
N SER A 82 -10.87 6.49 9.10
CA SER A 82 -12.05 7.26 8.73
C SER A 82 -12.90 6.61 7.64
N VAL A 83 -12.48 5.45 7.14
CA VAL A 83 -13.21 4.76 6.08
C VAL A 83 -14.64 4.43 6.50
N GLY A 84 -14.80 4.01 7.75
CA GLY A 84 -16.11 3.63 8.26
C GLY A 84 -17.05 4.81 8.36
N LEU A 85 -16.47 5.99 8.46
CA LEU A 85 -17.24 7.22 8.63
C LEU A 85 -17.98 7.59 7.35
N PHE A 86 -17.23 7.81 6.28
CA PHE A 86 -17.80 8.29 5.03
C PHE A 86 -18.60 7.20 4.29
N VAL A 87 -18.15 5.95 4.43
CA VAL A 87 -18.75 4.83 3.72
C VAL A 87 -20.24 4.67 4.01
N ASN A 88 -20.58 4.59 5.30
CA ASN A 88 -21.94 4.31 5.72
C ASN A 88 -22.80 5.58 5.81
N ARG A 89 -22.19 6.72 5.57
CA ARG A 89 -22.86 8.02 5.72
C ARG A 89 -23.12 8.67 4.36
N PHE A 90 -22.17 8.54 3.45
CA PHE A 90 -22.25 9.15 2.12
C PHE A 90 -22.34 8.12 1.00
N GLY A 91 -22.06 6.86 1.32
CA GLY A 91 -22.11 5.80 0.33
C GLY A 91 -20.74 5.49 -0.23
N ARG A 92 -20.62 4.36 -0.94
CA ARG A 92 -19.34 3.93 -1.48
C ARG A 92 -18.90 4.82 -2.62
N ARG A 93 -19.73 4.89 -3.66
CA ARG A 93 -19.42 5.67 -4.85
C ARG A 93 -19.12 7.12 -4.51
N ASN A 94 -20.06 7.79 -3.86
CA ASN A 94 -19.92 9.22 -3.59
C ASN A 94 -18.71 9.52 -2.70
N SER A 95 -18.39 8.58 -1.80
CA SER A 95 -17.22 8.75 -0.94
C SER A 95 -15.94 8.81 -1.77
N MET A 96 -15.84 7.93 -2.76
CA MET A 96 -14.67 7.89 -3.63
C MET A 96 -14.58 9.15 -4.47
N LEU A 97 -15.74 9.68 -4.84
CA LEU A 97 -15.83 10.84 -5.70
C LEU A 97 -15.40 12.11 -4.97
N MET A 98 -15.95 12.34 -3.78
CA MET A 98 -15.66 13.56 -3.05
C MET A 98 -14.21 13.60 -2.59
N MET A 99 -13.64 12.44 -2.28
CA MET A 99 -12.29 12.37 -1.73
C MET A 99 -11.22 12.57 -2.81
N ASN A 100 -11.65 12.81 -4.05
CA ASN A 100 -10.70 13.22 -5.07
C ASN A 100 -10.25 14.65 -4.82
N LEU A 101 -10.92 15.34 -3.90
CA LEU A 101 -10.50 16.68 -3.52
C LEU A 101 -9.12 16.66 -2.88
N LEU A 102 -8.85 15.63 -2.08
CA LEU A 102 -7.55 15.50 -1.43
C LEU A 102 -6.44 15.37 -2.47
N ALA A 103 -6.72 14.66 -3.55
CA ALA A 103 -5.74 14.48 -4.63
C ALA A 103 -5.41 15.80 -5.30
N PHE A 104 -6.43 16.53 -5.71
CA PHE A 104 -6.22 17.80 -6.37
C PHE A 104 -5.53 18.78 -5.43
N VAL A 105 -5.90 18.76 -4.15
CA VAL A 105 -5.29 19.65 -3.18
C VAL A 105 -3.82 19.28 -3.03
N SER A 106 -3.56 17.98 -2.89
CA SER A 106 -2.21 17.50 -2.71
C SER A 106 -1.36 17.64 -3.97
N ALA A 107 -1.98 17.36 -5.12
CA ALA A 107 -1.30 17.45 -6.40
C ALA A 107 -0.81 18.87 -6.65
N VAL A 108 -1.67 19.84 -6.36
CA VAL A 108 -1.34 21.25 -6.48
C VAL A 108 -0.23 21.63 -5.49
N LEU A 109 -0.37 21.16 -4.25
CA LEU A 109 0.62 21.44 -3.21
C LEU A 109 2.01 20.90 -3.57
N MET A 110 2.08 19.63 -3.96
CA MET A 110 3.36 19.02 -4.30
C MET A 110 3.90 19.56 -5.62
N GLY A 111 3.00 20.03 -6.48
CA GLY A 111 3.40 20.56 -7.78
C GLY A 111 4.02 21.94 -7.72
N PHE A 112 3.33 22.84 -7.03
CA PHE A 112 3.80 24.22 -6.91
C PHE A 112 4.66 24.37 -5.65
N SER A 113 5.24 23.28 -5.18
CA SER A 113 6.15 23.32 -4.04
C SER A 113 7.50 23.92 -4.44
N LYS A 114 7.96 23.57 -5.64
CA LYS A 114 9.22 24.10 -6.15
C LYS A 114 9.08 25.57 -6.49
N LEU A 115 7.99 25.91 -7.18
CA LEU A 115 7.71 27.28 -7.58
C LEU A 115 7.38 28.15 -6.36
N GLY A 116 7.14 27.50 -5.22
CA GLY A 116 6.87 28.18 -3.98
C GLY A 116 8.05 28.15 -3.03
N LYS A 117 9.13 27.48 -3.45
CA LYS A 117 10.36 27.41 -2.67
C LYS A 117 10.08 26.94 -1.24
N SER A 118 9.27 25.89 -1.13
CA SER A 118 8.87 25.38 0.17
C SER A 118 8.73 23.87 0.16
N PHE A 119 9.49 23.22 1.05
CA PHE A 119 9.39 21.77 1.21
C PHE A 119 8.24 21.44 2.16
N GLU A 120 7.77 22.44 2.87
CA GLU A 120 6.62 22.28 3.76
C GLU A 120 5.39 21.88 2.94
N MET A 121 5.21 22.51 1.79
CA MET A 121 4.10 22.20 0.89
C MET A 121 4.17 20.76 0.43
N LEU A 122 5.38 20.33 0.09
CA LEU A 122 5.61 18.96 -0.38
C LEU A 122 5.32 17.96 0.73
N ILE A 123 5.81 18.25 1.94
CA ILE A 123 5.53 17.41 3.09
C ILE A 123 4.03 17.42 3.38
N LEU A 124 3.42 18.61 3.35
CA LEU A 124 2.00 18.73 3.61
C LEU A 124 1.18 17.97 2.57
N GLY A 125 1.55 18.13 1.30
CA GLY A 125 0.87 17.41 0.24
C GLY A 125 1.02 15.91 0.44
N ARG A 126 2.21 15.49 0.83
CA ARG A 126 2.48 14.08 1.05
C ARG A 126 1.63 13.52 2.18
N PHE A 127 1.32 14.35 3.16
CA PHE A 127 0.42 13.94 4.22
C PHE A 127 -0.98 13.77 3.67
N ILE A 128 -1.50 14.82 3.04
CA ILE A 128 -2.88 14.85 2.58
C ILE A 128 -3.18 13.69 1.63
N ILE A 129 -2.30 13.47 0.66
CA ILE A 129 -2.48 12.36 -0.28
C ILE A 129 -2.39 11.03 0.46
N GLY A 130 -1.68 11.01 1.58
CA GLY A 130 -1.62 9.83 2.42
C GLY A 130 -2.97 9.46 3.01
N VAL A 131 -3.74 10.48 3.40
CA VAL A 131 -5.08 10.28 3.93
C VAL A 131 -5.95 9.67 2.85
N TYR A 132 -5.88 10.24 1.65
CA TYR A 132 -6.65 9.76 0.51
C TYR A 132 -6.32 8.30 0.22
N CYS A 133 -5.04 7.96 0.32
CA CYS A 133 -4.61 6.60 0.07
C CYS A 133 -5.12 5.66 1.16
N GLY A 134 -5.24 6.17 2.38
CA GLY A 134 -5.71 5.37 3.49
C GLY A 134 -7.21 5.16 3.38
N LEU A 135 -7.90 6.17 2.90
CA LEU A 135 -9.33 6.11 2.70
C LEU A 135 -9.67 5.25 1.50
N THR A 136 -8.90 5.45 0.42
CA THR A 136 -9.14 4.76 -0.84
C THR A 136 -8.97 3.26 -0.70
N THR A 137 -7.98 2.85 0.08
CA THR A 137 -7.71 1.42 0.25
C THR A 137 -8.81 0.77 1.10
N GLY A 138 -9.73 1.59 1.61
CA GLY A 138 -10.90 1.09 2.29
C GLY A 138 -12.13 1.12 1.39
N PHE A 139 -12.12 2.01 0.41
CA PHE A 139 -13.24 2.17 -0.49
C PHE A 139 -13.24 1.10 -1.58
N VAL A 140 -12.15 1.03 -2.34
CA VAL A 140 -12.10 0.20 -3.53
C VAL A 140 -12.39 -1.28 -3.26
N PRO A 141 -11.77 -1.87 -2.23
CA PRO A 141 -12.05 -3.30 -1.99
C PRO A 141 -13.50 -3.52 -1.58
N MET A 142 -14.08 -2.54 -0.89
CA MET A 142 -15.44 -2.64 -0.38
C MET A 142 -16.46 -2.38 -1.48
N TYR A 143 -16.12 -1.51 -2.42
CA TYR A 143 -17.04 -1.15 -3.50
C TYR A 143 -17.19 -2.29 -4.49
N VAL A 144 -16.06 -2.86 -4.91
CA VAL A 144 -16.08 -3.93 -5.90
C VAL A 144 -16.72 -5.18 -5.30
N GLY A 145 -16.52 -5.37 -4.00
CA GLY A 145 -17.06 -6.53 -3.31
C GLY A 145 -18.58 -6.54 -3.29
N GLU A 146 -19.17 -5.35 -3.31
CA GLU A 146 -20.62 -5.19 -3.28
C GLU A 146 -21.21 -5.09 -4.69
N VAL A 147 -20.42 -4.56 -5.62
CA VAL A 147 -20.86 -4.33 -6.99
C VAL A 147 -20.83 -5.63 -7.80
N SER A 148 -19.79 -6.43 -7.60
CA SER A 148 -19.58 -7.63 -8.40
C SER A 148 -20.48 -8.78 -7.96
N PRO A 149 -20.79 -9.71 -8.89
CA PRO A 149 -21.50 -10.93 -8.51
C PRO A 149 -20.62 -11.85 -7.68
N THR A 150 -21.22 -12.69 -6.84
CA THR A 150 -20.48 -13.53 -5.90
C THR A 150 -19.46 -14.41 -6.62
N ALA A 151 -19.78 -14.83 -7.82
CA ALA A 151 -18.89 -15.67 -8.61
C ALA A 151 -17.60 -14.92 -8.96
N LEU A 152 -17.77 -13.74 -9.56
CA LEU A 152 -16.65 -12.90 -9.97
C LEU A 152 -16.11 -12.05 -8.82
N ARG A 153 -16.67 -12.24 -7.63
CA ARG A 153 -16.24 -11.47 -6.46
C ARG A 153 -14.86 -11.94 -5.99
N GLY A 154 -14.57 -13.22 -6.21
CA GLY A 154 -13.30 -13.80 -5.83
C GLY A 154 -12.31 -13.79 -6.98
N ALA A 155 -12.42 -12.77 -7.83
CA ALA A 155 -11.52 -12.63 -8.98
C ALA A 155 -11.35 -11.17 -9.35
N LEU A 156 -12.45 -10.43 -9.38
CA LEU A 156 -12.41 -8.99 -9.66
C LEU A 156 -11.78 -8.22 -8.49
N GLY A 157 -11.82 -8.82 -7.30
CA GLY A 157 -11.22 -8.20 -6.13
C GLY A 157 -9.71 -8.19 -6.20
N THR A 158 -9.17 -8.92 -7.17
CA THR A 158 -7.73 -8.96 -7.42
C THR A 158 -7.21 -7.63 -7.97
N LEU A 159 -8.07 -6.92 -8.69
CA LEU A 159 -7.67 -5.71 -9.38
C LEU A 159 -7.13 -4.64 -8.43
N HIS A 160 -7.56 -4.68 -7.17
CA HIS A 160 -7.05 -3.74 -6.18
C HIS A 160 -5.56 -4.01 -5.97
N GLN A 161 -5.22 -5.28 -5.75
CA GLN A 161 -3.83 -5.69 -5.58
C GLN A 161 -2.99 -5.28 -6.79
N LEU A 162 -3.41 -5.74 -7.97
CA LEU A 162 -2.68 -5.47 -9.20
C LEU A 162 -2.52 -3.97 -9.43
N GLY A 163 -3.54 -3.21 -9.04
CA GLY A 163 -3.52 -1.77 -9.22
C GLY A 163 -2.37 -1.11 -8.50
N ILE A 164 -2.09 -1.57 -7.28
CA ILE A 164 -1.04 -0.97 -6.48
C ILE A 164 0.34 -1.26 -7.07
N VAL A 165 0.64 -2.54 -7.25
CA VAL A 165 1.94 -2.95 -7.77
C VAL A 165 2.22 -2.37 -9.17
N VAL A 166 1.18 -2.28 -10.00
CA VAL A 166 1.31 -1.68 -11.32
C VAL A 166 1.50 -0.16 -11.21
N GLY A 167 0.85 0.43 -10.21
CA GLY A 167 1.00 1.84 -9.94
C GLY A 167 2.40 2.18 -9.48
N ILE A 168 2.97 1.29 -8.67
CA ILE A 168 4.33 1.45 -8.20
C ILE A 168 5.30 1.37 -9.38
N LEU A 169 4.98 0.51 -10.34
CA LEU A 169 5.82 0.33 -11.52
C LEU A 169 5.82 1.60 -12.38
N ILE A 170 4.63 2.12 -12.67
CA ILE A 170 4.48 3.31 -13.49
C ILE A 170 5.19 4.52 -12.85
N ALA A 171 5.13 4.59 -11.52
CA ALA A 171 5.81 5.65 -10.79
C ALA A 171 7.33 5.58 -10.99
N GLN A 172 7.84 4.35 -11.04
CA GLN A 172 9.28 4.12 -11.20
C GLN A 172 9.72 4.35 -12.63
N VAL A 173 8.84 4.05 -13.58
CA VAL A 173 9.09 4.34 -14.99
C VAL A 173 9.23 5.85 -15.19
N PHE A 174 8.19 6.60 -14.79
CA PHE A 174 8.22 8.05 -14.92
C PHE A 174 9.36 8.66 -14.10
N GLY A 175 9.92 7.88 -13.19
CA GLY A 175 10.98 8.37 -12.32
C GLY A 175 12.33 8.44 -13.03
N LEU A 176 12.36 8.08 -14.32
CA LEU A 176 13.59 8.13 -15.08
C LEU A 176 13.99 9.57 -15.37
N ASP A 177 15.29 9.78 -15.61
CA ASP A 177 15.80 11.09 -16.03
C ASP A 177 15.19 11.45 -17.38
N SER A 178 14.95 10.43 -18.20
CA SER A 178 14.41 10.60 -19.54
C SER A 178 13.01 11.21 -19.52
N ILE A 179 12.22 10.86 -18.52
CA ILE A 179 10.82 11.28 -18.47
C ILE A 179 10.60 12.45 -17.51
N MET A 180 10.40 12.15 -16.23
CA MET A 180 10.02 13.19 -15.25
C MET A 180 10.87 13.15 -13.97
N GLY A 181 11.77 12.18 -13.87
CA GLY A 181 12.61 12.07 -12.69
C GLY A 181 13.88 12.89 -12.78
N ASN A 182 13.73 14.21 -12.87
CA ASN A 182 14.87 15.11 -13.04
C ASN A 182 14.62 16.51 -12.45
N LYS A 183 15.60 17.39 -12.60
CA LYS A 183 15.58 18.73 -12.01
C LYS A 183 14.33 19.55 -12.38
N ASP A 184 13.91 19.46 -13.64
CA ASP A 184 12.89 20.34 -14.18
C ASP A 184 11.46 19.86 -13.97
N LEU A 185 11.28 18.54 -13.97
CA LEU A 185 9.93 17.95 -14.02
C LEU A 185 9.57 17.04 -12.84
N TRP A 186 10.34 17.11 -11.75
CA TRP A 186 9.98 16.32 -10.57
C TRP A 186 8.73 16.88 -9.90
N PRO A 187 8.50 18.21 -9.96
CA PRO A 187 7.25 18.67 -9.35
C PRO A 187 6.02 18.15 -10.10
N LEU A 188 6.20 17.89 -11.40
CA LEU A 188 5.11 17.39 -12.23
C LEU A 188 4.93 15.88 -12.02
N LEU A 189 6.02 15.22 -11.67
CA LEU A 189 6.00 13.79 -11.41
C LEU A 189 5.10 13.45 -10.23
N LEU A 190 5.08 14.35 -9.24
CA LEU A 190 4.24 14.19 -8.06
C LEU A 190 2.81 14.63 -8.34
N SER A 191 2.66 15.54 -9.30
CA SER A 191 1.38 16.19 -9.56
C SER A 191 0.53 15.42 -10.55
N ILE A 192 1.16 14.62 -11.41
CA ILE A 192 0.47 13.95 -12.51
C ILE A 192 -0.71 13.13 -12.01
N ILE A 193 -0.74 12.86 -10.70
CA ILE A 193 -1.86 12.15 -10.08
C ILE A 193 -3.21 12.83 -10.32
N PHE A 194 -3.19 14.11 -10.69
CA PHE A 194 -4.43 14.85 -10.94
C PHE A 194 -5.18 14.26 -12.13
N ILE A 195 -4.43 13.64 -13.05
CA ILE A 195 -5.02 13.05 -14.24
C ILE A 195 -5.93 11.87 -13.86
N PRO A 196 -5.39 10.86 -13.14
CA PRO A 196 -6.26 9.79 -12.63
C PRO A 196 -7.47 10.31 -11.88
N ALA A 197 -7.28 11.37 -11.10
CA ALA A 197 -8.35 11.94 -10.30
C ALA A 197 -9.41 12.50 -11.23
N LEU A 198 -8.97 13.35 -12.15
CA LEU A 198 -9.87 13.99 -13.10
C LEU A 198 -10.65 12.94 -13.87
N LEU A 199 -9.99 11.82 -14.18
CA LEU A 199 -10.65 10.72 -14.88
C LEU A 199 -11.73 10.10 -14.00
N GLN A 200 -11.37 9.80 -12.75
CA GLN A 200 -12.29 9.15 -11.84
C GLN A 200 -13.46 10.08 -11.51
N CYS A 201 -13.20 11.38 -11.47
CA CYS A 201 -14.25 12.36 -11.20
C CYS A 201 -15.28 12.37 -12.32
N ILE A 202 -14.87 11.95 -13.51
CA ILE A 202 -15.75 11.93 -14.68
C ILE A 202 -16.50 10.61 -14.76
N VAL A 203 -15.80 9.50 -14.51
CA VAL A 203 -16.37 8.17 -14.69
C VAL A 203 -17.39 7.83 -13.61
N LEU A 204 -16.97 7.90 -12.35
CA LEU A 204 -17.78 7.42 -11.22
C LEU A 204 -19.24 7.87 -11.23
N PRO A 205 -19.52 9.17 -11.52
CA PRO A 205 -20.92 9.61 -11.52
C PRO A 205 -21.83 8.77 -12.40
N PHE A 206 -21.27 8.18 -13.45
CA PHE A 206 -22.03 7.30 -14.35
C PHE A 206 -22.13 5.88 -13.77
N CYS A 207 -21.22 5.55 -12.86
CA CYS A 207 -21.26 4.25 -12.21
C CYS A 207 -22.35 4.21 -11.14
N PRO A 208 -22.85 3.00 -10.83
CA PRO A 208 -23.97 2.89 -9.89
C PRO A 208 -23.55 2.84 -8.42
N GLU A 209 -24.36 3.41 -7.54
CA GLU A 209 -24.16 3.26 -6.11
C GLU A 209 -24.31 1.78 -5.78
N SER A 210 -23.59 1.32 -4.76
CA SER A 210 -23.65 -0.09 -4.38
C SER A 210 -25.07 -0.43 -3.91
N PRO A 211 -25.61 -1.57 -4.36
CA PRO A 211 -26.93 -1.96 -3.88
C PRO A 211 -26.98 -2.21 -2.38
N ARG A 212 -25.90 -2.75 -1.81
CA ARG A 212 -25.84 -3.04 -0.38
C ARG A 212 -25.97 -1.76 0.44
N PHE A 213 -25.69 -0.62 -0.18
CA PHE A 213 -25.86 0.66 0.46
C PHE A 213 -27.31 1.12 0.30
N LEU A 214 -27.88 0.81 -0.85
CA LEU A 214 -29.25 1.21 -1.15
C LEU A 214 -30.25 0.31 -0.44
N LEU A 215 -29.88 -0.95 -0.24
CA LEU A 215 -30.77 -1.93 0.36
C LEU A 215 -30.74 -1.83 1.89
N ILE A 216 -29.55 -1.76 2.45
CA ILE A 216 -29.37 -1.74 3.89
C ILE A 216 -29.29 -0.30 4.45
N ASN A 217 -28.23 0.41 4.08
CA ASN A 217 -27.94 1.72 4.67
C ASN A 217 -28.99 2.80 4.35
N ARG A 218 -29.86 2.52 3.38
CA ARG A 218 -30.87 3.49 2.96
C ARG A 218 -32.28 2.90 2.93
N ASN A 219 -32.36 1.57 2.93
CA ASN A 219 -33.65 0.88 2.88
C ASN A 219 -34.40 1.17 1.59
N GLU A 220 -33.70 1.76 0.62
CA GLU A 220 -34.28 2.05 -0.68
C GLU A 220 -34.17 0.80 -1.55
N GLU A 221 -34.89 -0.24 -1.16
CA GLU A 221 -34.85 -1.52 -1.85
C GLU A 221 -35.18 -1.37 -3.34
N ASN A 222 -36.16 -0.50 -3.63
CA ASN A 222 -36.60 -0.30 -5.01
C ASN A 222 -35.54 0.38 -5.86
N ARG A 223 -34.85 1.37 -5.28
CA ARG A 223 -33.79 2.08 -5.99
C ARG A 223 -32.63 1.12 -6.28
N ALA A 224 -32.55 0.05 -5.50
CA ALA A 224 -31.49 -0.95 -5.67
C ALA A 224 -31.84 -1.93 -6.78
N LYS A 225 -33.13 -2.13 -7.02
CA LYS A 225 -33.58 -3.04 -8.07
C LYS A 225 -33.07 -2.58 -9.43
N SER A 226 -33.19 -1.28 -9.70
CA SER A 226 -32.78 -0.72 -10.99
C SER A 226 -31.27 -0.83 -11.19
N VAL A 227 -30.53 -0.99 -10.11
CA VAL A 227 -29.07 -1.09 -10.17
C VAL A 227 -28.65 -2.46 -10.71
N LEU A 228 -29.02 -3.51 -9.99
CA LEU A 228 -28.56 -4.86 -10.30
C LEU A 228 -28.91 -5.28 -11.72
N LYS A 229 -30.09 -4.87 -12.19
CA LYS A 229 -30.55 -5.29 -13.51
C LYS A 229 -29.65 -4.71 -14.61
N LYS A 230 -29.31 -3.44 -14.49
CA LYS A 230 -28.39 -2.82 -15.45
C LYS A 230 -26.97 -3.25 -15.15
N LEU A 231 -26.67 -3.41 -13.86
CA LEU A 231 -25.33 -3.77 -13.42
C LEU A 231 -25.02 -5.23 -13.74
N ARG A 232 -25.79 -6.13 -13.15
CA ARG A 232 -25.62 -7.56 -13.38
C ARG A 232 -25.99 -7.92 -14.82
N GLY A 233 -26.81 -7.08 -15.43
CA GLY A 233 -27.23 -7.28 -16.81
C GLY A 233 -28.45 -8.18 -16.90
N THR A 234 -28.63 -9.04 -15.92
CA THR A 234 -29.77 -9.95 -15.89
C THR A 234 -31.08 -9.16 -15.73
N ALA A 235 -32.12 -9.64 -16.39
CA ALA A 235 -33.43 -9.01 -16.30
C ALA A 235 -33.95 -9.09 -14.87
N ASP A 236 -34.03 -10.30 -14.35
CA ASP A 236 -34.49 -10.54 -12.97
C ASP A 236 -33.31 -10.64 -12.01
N VAL A 237 -33.57 -10.35 -10.74
CA VAL A 237 -32.53 -10.41 -9.71
C VAL A 237 -33.13 -10.84 -8.37
N THR A 238 -34.13 -11.72 -8.42
CA THR A 238 -34.82 -12.20 -7.23
C THR A 238 -34.07 -13.35 -6.56
N HIS A 239 -32.74 -13.32 -6.64
CA HIS A 239 -31.89 -14.30 -5.97
C HIS A 239 -30.63 -13.62 -5.46
N ASP A 240 -30.12 -12.67 -6.24
CA ASP A 240 -29.02 -11.83 -5.80
C ASP A 240 -29.51 -10.86 -4.73
N LEU A 241 -30.79 -10.50 -4.81
CA LEU A 241 -31.39 -9.60 -3.84
C LEU A 241 -31.58 -10.33 -2.51
N GLN A 242 -32.07 -11.56 -2.58
CA GLN A 242 -32.27 -12.38 -1.37
C GLN A 242 -30.93 -12.76 -0.76
N GLU A 243 -29.93 -12.96 -1.61
CA GLU A 243 -28.58 -13.30 -1.16
C GLU A 243 -28.05 -12.28 -0.17
N MET A 244 -28.08 -11.02 -0.58
CA MET A 244 -27.57 -9.93 0.26
C MET A 244 -28.31 -9.86 1.59
N LYS A 245 -29.61 -10.12 1.56
CA LYS A 245 -30.42 -10.08 2.76
C LYS A 245 -30.16 -11.31 3.64
N GLU A 246 -29.60 -12.36 3.03
CA GLU A 246 -29.23 -13.57 3.76
C GLU A 246 -27.79 -13.50 4.26
N GLU A 247 -26.96 -12.75 3.54
CA GLU A 247 -25.57 -12.54 3.95
C GLU A 247 -25.48 -11.43 4.98
N SER A 248 -26.47 -10.55 4.97
CA SER A 248 -26.56 -9.50 5.98
C SER A 248 -26.99 -10.09 7.32
N ARG A 249 -27.67 -11.23 7.27
CA ARG A 249 -28.05 -11.95 8.47
C ARG A 249 -26.79 -12.33 9.25
N GLN A 250 -25.89 -13.04 8.60
CA GLN A 250 -24.66 -13.51 9.23
C GLN A 250 -23.81 -12.32 9.71
N MET A 251 -23.89 -11.22 8.99
CA MET A 251 -23.13 -10.02 9.34
C MET A 251 -23.79 -9.31 10.53
N MET A 252 -25.09 -9.50 10.68
CA MET A 252 -25.86 -8.88 11.76
C MET A 252 -26.22 -9.88 12.85
N ARG A 253 -25.79 -11.13 12.68
CA ARG A 253 -26.15 -12.19 13.64
C ARG A 253 -25.51 -11.93 14.99
N GLU A 254 -24.20 -12.11 15.08
CA GLU A 254 -23.48 -11.89 16.32
C GLU A 254 -23.03 -10.45 16.45
N LYS A 255 -23.13 -9.91 17.66
CA LYS A 255 -22.83 -8.51 17.92
C LYS A 255 -21.39 -8.17 17.59
N LYS A 256 -21.18 -7.06 16.88
CA LYS A 256 -19.84 -6.59 16.58
C LYS A 256 -19.25 -5.92 17.81
N VAL A 257 -17.96 -6.16 18.05
CA VAL A 257 -17.28 -5.64 19.23
C VAL A 257 -16.29 -4.54 18.86
N THR A 258 -16.14 -3.57 19.75
CA THR A 258 -15.28 -2.41 19.51
C THR A 258 -13.81 -2.76 19.64
N ILE A 259 -12.96 -1.75 19.45
CA ILE A 259 -11.51 -1.94 19.47
C ILE A 259 -11.02 -2.27 20.88
N LEU A 260 -11.36 -1.39 21.83
CA LEU A 260 -10.84 -1.54 23.19
C LEU A 260 -11.46 -2.72 23.93
N GLU A 261 -12.58 -3.23 23.40
CA GLU A 261 -13.20 -4.43 23.96
C GLU A 261 -12.48 -5.67 23.45
N LEU A 262 -11.65 -5.50 22.44
CA LEU A 262 -10.87 -6.60 21.88
C LEU A 262 -9.63 -6.85 22.75
N PHE A 263 -9.17 -5.81 23.43
CA PHE A 263 -7.99 -5.90 24.28
C PHE A 263 -8.34 -6.48 25.65
N ARG A 264 -9.51 -6.10 26.16
CA ARG A 264 -9.90 -6.43 27.52
C ARG A 264 -10.35 -7.88 27.68
N SER A 265 -10.88 -8.46 26.62
CA SER A 265 -11.34 -9.84 26.65
C SER A 265 -10.19 -10.81 26.44
N PRO A 266 -9.82 -11.59 27.48
CA PRO A 266 -8.70 -12.52 27.31
C PRO A 266 -8.99 -13.64 26.32
N ALA A 267 -10.22 -13.69 25.83
CA ALA A 267 -10.57 -14.60 24.73
C ALA A 267 -9.97 -14.09 23.42
N TYR A 268 -9.85 -12.77 23.30
CA TYR A 268 -9.39 -12.13 22.07
C TYR A 268 -7.95 -11.63 22.14
N ARG A 269 -7.28 -11.86 23.27
CA ARG A 269 -5.94 -11.31 23.48
C ARG A 269 -4.85 -12.14 22.78
N GLN A 270 -5.17 -13.39 22.47
CA GLN A 270 -4.19 -14.27 21.83
C GLN A 270 -4.22 -14.15 20.31
N PRO A 271 -5.42 -14.16 19.70
CA PRO A 271 -5.42 -14.02 18.24
C PRO A 271 -4.97 -12.64 17.78
N ILE A 272 -5.26 -11.61 18.57
CA ILE A 272 -4.88 -10.25 18.22
C ILE A 272 -3.37 -10.09 18.21
N LEU A 273 -2.71 -10.81 19.11
CA LEU A 273 -1.25 -10.78 19.17
C LEU A 273 -0.68 -11.30 17.86
N ILE A 274 -1.24 -12.40 17.39
CA ILE A 274 -0.81 -13.00 16.14
C ILE A 274 -0.98 -12.01 15.00
N ALA A 275 -2.15 -11.36 14.98
CA ALA A 275 -2.49 -10.40 13.94
C ALA A 275 -1.48 -9.26 13.83
N VAL A 276 -1.29 -8.54 14.93
CA VAL A 276 -0.38 -7.41 14.98
C VAL A 276 1.04 -7.79 14.57
N VAL A 277 1.55 -8.86 15.15
CA VAL A 277 2.90 -9.32 14.85
C VAL A 277 3.05 -9.66 13.37
N LEU A 278 2.02 -10.30 12.80
CA LEU A 278 2.04 -10.65 11.39
C LEU A 278 2.09 -9.39 10.50
N GLN A 279 1.59 -8.28 11.03
CA GLN A 279 1.66 -7.00 10.31
C GLN A 279 3.04 -6.40 10.48
N LEU A 280 3.59 -6.52 11.69
CA LEU A 280 4.96 -6.05 11.94
C LEU A 280 5.94 -6.82 11.06
N SER A 281 5.67 -8.12 10.91
CA SER A 281 6.55 -8.98 10.10
C SER A 281 6.51 -8.57 8.63
N GLN A 282 5.48 -7.84 8.23
CA GLN A 282 5.36 -7.39 6.86
C GLN A 282 6.18 -6.12 6.62
N GLN A 283 6.15 -5.22 7.60
CA GLN A 283 6.86 -3.94 7.49
C GLN A 283 8.30 -4.03 8.00
N LEU A 284 8.49 -4.61 9.18
CA LEU A 284 9.82 -4.69 9.76
C LEU A 284 10.71 -5.68 9.01
N SER A 285 10.16 -6.33 7.99
CA SER A 285 10.96 -7.11 7.07
C SER A 285 11.79 -6.17 6.20
N GLY A 286 11.23 -5.00 5.93
CA GLY A 286 11.95 -3.93 5.27
C GLY A 286 11.79 -3.93 3.76
N ILE A 287 10.55 -4.13 3.29
CA ILE A 287 10.28 -4.08 1.85
C ILE A 287 10.02 -2.65 1.40
N ASN A 288 9.66 -1.80 2.35
CA ASN A 288 9.50 -0.39 2.06
C ASN A 288 10.84 0.31 2.20
N ALA A 289 11.82 -0.41 2.73
CA ALA A 289 13.18 0.07 2.74
C ALA A 289 13.72 0.08 1.31
N VAL A 290 13.10 -0.72 0.45
CA VAL A 290 13.51 -0.78 -0.96
C VAL A 290 12.52 0.00 -1.82
N PHE A 291 11.22 -0.20 -1.58
CA PHE A 291 10.21 0.50 -2.37
C PHE A 291 10.26 2.02 -2.21
N TYR A 292 10.97 2.49 -1.18
CA TYR A 292 11.17 3.92 -0.97
C TYR A 292 12.59 4.34 -1.36
N TYR A 293 13.55 3.45 -1.13
CA TYR A 293 14.96 3.78 -1.32
C TYR A 293 15.71 2.78 -2.21
N SER A 294 15.00 2.15 -3.14
CA SER A 294 15.62 1.22 -4.08
C SER A 294 16.77 1.89 -4.81
N THR A 295 16.46 3.00 -5.47
CA THR A 295 17.43 3.73 -6.27
C THR A 295 18.56 4.28 -5.40
N SER A 296 18.28 4.49 -4.12
CA SER A 296 19.27 5.01 -3.18
C SER A 296 20.25 3.93 -2.72
N ILE A 297 19.72 2.77 -2.36
CA ILE A 297 20.56 1.65 -1.93
C ILE A 297 21.40 1.12 -3.11
N PHE A 298 20.83 1.16 -4.30
CA PHE A 298 21.53 0.73 -5.52
C PHE A 298 22.71 1.66 -5.84
N GLU A 299 22.61 2.92 -5.45
CA GLU A 299 23.66 3.89 -5.72
C GLU A 299 24.89 3.64 -4.87
N LYS A 300 24.68 3.20 -3.63
CA LYS A 300 25.80 2.89 -2.75
C LYS A 300 26.45 1.59 -3.16
N ALA A 301 25.68 0.73 -3.83
CA ALA A 301 26.25 -0.38 -4.57
C ALA A 301 26.81 0.15 -5.90
N GLY A 302 27.61 -0.63 -6.59
CA GLY A 302 28.25 -0.17 -7.81
C GLY A 302 27.35 -0.31 -9.02
N VAL A 303 26.04 -0.16 -8.80
CA VAL A 303 25.06 -0.40 -9.84
C VAL A 303 25.09 0.71 -10.88
N GLN A 304 25.32 0.31 -12.13
CA GLN A 304 25.18 1.19 -13.28
C GLN A 304 23.70 1.28 -13.65
N GLN A 305 23.22 2.50 -13.92
CA GLN A 305 21.81 2.72 -14.22
C GLN A 305 20.92 2.13 -13.13
N PRO A 306 21.01 2.68 -11.91
CA PRO A 306 20.30 2.12 -10.74
C PRO A 306 18.79 2.32 -10.80
N VAL A 307 18.35 3.42 -11.42
CA VAL A 307 16.92 3.70 -11.53
C VAL A 307 16.21 2.59 -12.29
N TYR A 308 16.94 1.95 -13.21
CA TYR A 308 16.40 0.85 -14.00
C TYR A 308 16.30 -0.41 -13.16
N ALA A 309 17.18 -0.55 -12.17
CA ALA A 309 17.12 -1.69 -11.28
C ALA A 309 15.89 -1.58 -10.40
N THR A 310 15.52 -0.35 -10.05
CA THR A 310 14.31 -0.11 -9.27
C THR A 310 13.09 -0.50 -10.09
N ILE A 311 13.09 -0.12 -11.36
CA ILE A 311 12.03 -0.53 -12.27
C ILE A 311 12.05 -2.04 -12.41
N GLY A 312 13.24 -2.63 -12.32
CA GLY A 312 13.38 -4.06 -12.32
C GLY A 312 12.66 -4.66 -11.12
N SER A 313 12.86 -4.05 -9.96
CA SER A 313 12.20 -4.52 -8.74
C SER A 313 10.69 -4.38 -8.85
N GLY A 314 10.24 -3.35 -9.57
CA GLY A 314 8.83 -3.13 -9.78
C GLY A 314 8.20 -4.22 -10.62
N ILE A 315 8.89 -4.61 -11.68
CA ILE A 315 8.41 -5.66 -12.58
C ILE A 315 8.44 -7.01 -11.89
N VAL A 316 9.52 -7.30 -11.19
CA VAL A 316 9.62 -8.52 -10.39
C VAL A 316 8.49 -8.52 -9.37
N ASN A 317 8.31 -7.39 -8.70
CA ASN A 317 7.26 -7.23 -7.71
C ASN A 317 5.88 -7.46 -8.34
N THR A 318 5.61 -6.77 -9.43
CA THR A 318 4.33 -6.91 -10.13
C THR A 318 4.15 -8.35 -10.62
N ALA A 319 5.26 -8.99 -10.99
CA ALA A 319 5.21 -10.35 -11.56
C ALA A 319 4.77 -11.37 -10.52
N PHE A 320 5.52 -11.45 -9.42
CA PHE A 320 5.24 -12.42 -8.37
C PHE A 320 3.90 -12.16 -7.66
N THR A 321 3.35 -10.95 -7.84
CA THR A 321 2.02 -10.65 -7.34
C THR A 321 1.02 -11.52 -8.08
N VAL A 322 1.13 -11.56 -9.41
CA VAL A 322 0.25 -12.36 -10.25
C VAL A 322 0.46 -13.85 -9.97
N VAL A 323 1.70 -14.22 -9.68
CA VAL A 323 2.03 -15.61 -9.36
C VAL A 323 1.33 -16.02 -8.07
N SER A 324 1.36 -15.12 -7.08
CA SER A 324 0.77 -15.39 -5.77
C SER A 324 -0.72 -15.73 -5.86
N LEU A 325 -1.39 -15.20 -6.88
CA LEU A 325 -2.81 -15.45 -7.09
C LEU A 325 -3.06 -16.95 -7.28
N PHE A 326 -2.22 -17.58 -8.10
CA PHE A 326 -2.36 -19.00 -8.41
C PHE A 326 -1.53 -19.84 -7.45
N VAL A 327 -1.55 -19.47 -6.17
CA VAL A 327 -0.79 -20.19 -5.15
C VAL A 327 -1.57 -20.23 -3.84
N VAL A 328 -2.16 -19.11 -3.46
CA VAL A 328 -2.94 -19.03 -2.23
C VAL A 328 -4.10 -20.02 -2.29
N GLU A 329 -4.63 -20.23 -3.49
CA GLU A 329 -5.71 -21.19 -3.71
C GLU A 329 -5.14 -22.57 -4.06
N ARG A 330 -3.93 -22.84 -3.58
CA ARG A 330 -3.24 -24.10 -3.86
C ARG A 330 -2.36 -24.57 -2.70
N ALA A 331 -2.11 -23.69 -1.74
CA ALA A 331 -1.26 -24.02 -0.59
C ALA A 331 -1.75 -23.33 0.67
N GLY A 332 -1.10 -23.63 1.79
CA GLY A 332 -1.53 -23.12 3.09
C GLY A 332 -0.94 -21.77 3.42
N ARG A 333 -1.57 -21.06 4.34
CA ARG A 333 -1.15 -19.71 4.72
C ARG A 333 0.05 -19.75 5.65
N ARG A 334 0.15 -20.81 6.45
CA ARG A 334 1.26 -20.96 7.39
C ARG A 334 2.55 -21.22 6.63
N THR A 335 2.47 -22.08 5.61
CA THR A 335 3.64 -22.44 4.81
C THR A 335 4.14 -21.26 4.01
N LEU A 336 3.26 -20.66 3.20
CA LEU A 336 3.63 -19.55 2.32
C LEU A 336 4.26 -18.39 3.08
N HIS A 337 3.80 -18.17 4.31
CA HIS A 337 4.33 -17.07 5.13
C HIS A 337 5.72 -17.42 5.65
N LEU A 338 5.96 -18.69 5.92
CA LEU A 338 7.27 -19.15 6.37
C LEU A 338 8.28 -19.09 5.23
N ILE A 339 7.85 -19.51 4.04
CA ILE A 339 8.71 -19.47 2.86
C ILE A 339 9.22 -18.05 2.62
N GLY A 340 8.34 -17.07 2.79
CA GLY A 340 8.69 -15.69 2.53
C GLY A 340 9.77 -15.19 3.45
N LEU A 341 9.54 -15.29 4.76
CA LEU A 341 10.49 -14.78 5.75
C LEU A 341 11.88 -15.38 5.56
N ALA A 342 11.93 -16.66 5.22
CA ALA A 342 13.20 -17.34 4.99
C ALA A 342 13.92 -16.76 3.76
N GLY A 343 13.21 -16.65 2.65
CA GLY A 343 13.78 -16.09 1.44
C GLY A 343 14.16 -14.63 1.60
N MET A 344 13.34 -13.88 2.33
CA MET A 344 13.65 -12.48 2.60
C MET A 344 14.88 -12.37 3.50
N ALA A 345 15.04 -13.33 4.41
CA ALA A 345 16.22 -13.36 5.26
C ALA A 345 17.45 -13.72 4.43
N GLY A 346 17.31 -14.76 3.62
CA GLY A 346 18.40 -15.22 2.78
C GLY A 346 18.87 -14.15 1.81
N CYS A 347 17.91 -13.45 1.21
CA CYS A 347 18.21 -12.36 0.30
C CYS A 347 18.82 -11.17 1.03
N ALA A 348 18.36 -10.95 2.26
CA ALA A 348 18.88 -9.85 3.08
C ALA A 348 20.34 -10.11 3.43
N ILE A 349 20.64 -11.36 3.77
CA ILE A 349 22.01 -11.79 3.98
C ILE A 349 22.79 -11.64 2.68
N LEU A 350 22.23 -12.20 1.61
CA LEU A 350 22.87 -12.16 0.30
C LEU A 350 23.08 -10.72 -0.16
N MET A 351 22.23 -9.81 0.30
CA MET A 351 22.38 -8.39 0.01
C MET A 351 23.62 -7.85 0.72
N THR A 352 23.78 -8.23 1.98
CA THR A 352 24.90 -7.76 2.78
C THR A 352 26.24 -8.20 2.18
N ILE A 353 26.28 -9.42 1.66
CA ILE A 353 27.49 -9.93 1.03
C ILE A 353 27.89 -9.04 -0.14
N ALA A 354 26.89 -8.62 -0.92
CA ALA A 354 27.14 -7.76 -2.07
C ALA A 354 27.69 -6.41 -1.61
N LEU A 355 27.02 -5.81 -0.64
CA LEU A 355 27.39 -4.50 -0.13
C LEU A 355 28.75 -4.52 0.57
N ALA A 356 29.15 -5.69 1.03
CA ALA A 356 30.40 -5.85 1.77
C ALA A 356 31.57 -6.15 0.83
N LEU A 357 31.35 -7.08 -0.10
CA LEU A 357 32.41 -7.53 -1.00
C LEU A 357 32.52 -6.68 -2.27
N LEU A 358 31.73 -5.62 -2.36
CA LEU A 358 31.78 -4.76 -3.53
C LEU A 358 33.10 -4.00 -3.61
N GLU A 359 33.54 -3.48 -2.47
CA GLU A 359 34.78 -2.71 -2.40
C GLU A 359 35.98 -3.58 -2.78
N GLN A 360 35.86 -4.87 -2.51
CA GLN A 360 36.91 -5.84 -2.84
C GLN A 360 36.71 -6.39 -4.26
N LEU A 361 35.44 -6.73 -4.57
CA LEU A 361 35.08 -7.28 -5.87
C LEU A 361 34.16 -6.31 -6.62
N PRO A 362 34.74 -5.43 -7.45
CA PRO A 362 33.92 -4.43 -8.15
C PRO A 362 32.99 -5.05 -9.20
N TRP A 363 32.00 -5.80 -8.72
CA TRP A 363 30.98 -6.39 -9.58
C TRP A 363 29.81 -6.98 -8.79
N MET A 364 29.98 -7.09 -7.47
CA MET A 364 28.93 -7.59 -6.59
C MET A 364 27.68 -6.72 -6.65
N SER A 365 27.84 -5.52 -7.21
CA SER A 365 26.70 -4.63 -7.44
C SER A 365 25.62 -5.35 -8.22
N TYR A 366 26.01 -6.31 -9.05
CA TYR A 366 25.05 -7.11 -9.79
C TYR A 366 24.34 -8.08 -8.87
N LEU A 367 25.04 -8.56 -7.84
CA LEU A 367 24.46 -9.49 -6.89
C LEU A 367 23.37 -8.80 -6.07
N SER A 368 23.61 -7.54 -5.71
CA SER A 368 22.65 -6.78 -4.93
C SER A 368 21.33 -6.67 -5.65
N ILE A 369 21.37 -6.58 -6.98
CA ILE A 369 20.17 -6.50 -7.79
C ILE A 369 19.37 -7.80 -7.70
N VAL A 370 20.06 -8.92 -7.84
CA VAL A 370 19.42 -10.23 -7.79
C VAL A 370 18.88 -10.50 -6.38
N ALA A 371 19.62 -10.05 -5.38
CA ALA A 371 19.23 -10.24 -3.99
C ALA A 371 17.92 -9.52 -3.71
N ILE A 372 17.87 -8.24 -4.08
CA ILE A 372 16.68 -7.43 -3.82
C ILE A 372 15.50 -7.92 -4.64
N PHE A 373 15.74 -8.36 -5.86
CA PHE A 373 14.69 -8.96 -6.68
C PHE A 373 14.08 -10.15 -5.95
N GLY A 374 14.93 -10.98 -5.36
CA GLY A 374 14.47 -12.11 -4.57
C GLY A 374 13.87 -11.65 -3.24
N PHE A 375 14.38 -10.53 -2.74
CA PHE A 375 13.90 -9.98 -1.48
C PHE A 375 12.44 -9.52 -1.60
N VAL A 376 12.07 -8.99 -2.77
CA VAL A 376 10.70 -8.55 -3.01
C VAL A 376 9.85 -9.67 -3.62
N ALA A 377 10.50 -10.58 -4.34
CA ALA A 377 9.78 -11.70 -4.95
C ALA A 377 9.26 -12.65 -3.88
N PHE A 378 10.08 -12.90 -2.86
CA PHE A 378 9.68 -13.78 -1.76
C PHE A 378 8.65 -13.10 -0.86
N PHE A 379 8.67 -11.77 -0.86
CA PHE A 379 7.70 -11.02 -0.08
C PHE A 379 6.29 -11.15 -0.61
N GLU A 380 6.15 -11.07 -1.93
CA GLU A 380 4.85 -11.01 -2.57
C GLU A 380 4.10 -12.34 -2.55
N VAL A 381 4.77 -13.39 -2.09
CA VAL A 381 4.15 -14.72 -2.02
C VAL A 381 3.85 -15.12 -0.57
N GLY A 382 4.60 -14.54 0.36
CA GLY A 382 4.45 -14.86 1.76
C GLY A 382 3.88 -13.72 2.59
N PRO A 383 4.78 -12.86 3.14
CA PRO A 383 4.33 -11.79 4.03
C PRO A 383 3.53 -10.69 3.33
N GLY A 384 3.23 -10.85 2.05
CA GLY A 384 2.48 -9.85 1.30
C GLY A 384 1.00 -9.90 1.58
N PRO A 385 0.31 -10.94 1.07
CA PRO A 385 -1.13 -11.10 1.23
C PRO A 385 -1.57 -11.84 2.51
N ILE A 386 -0.77 -12.80 2.96
CA ILE A 386 -1.16 -13.70 4.05
C ILE A 386 -1.53 -12.97 5.36
N PRO A 387 -0.75 -11.97 5.77
CA PRO A 387 -1.08 -11.28 7.02
C PRO A 387 -2.48 -10.67 7.05
N TRP A 388 -3.15 -10.58 5.90
CA TRP A 388 -4.51 -10.07 5.84
C TRP A 388 -5.52 -11.19 5.67
N PHE A 389 -5.03 -12.39 5.35
CA PHE A 389 -5.87 -13.57 5.26
C PHE A 389 -6.03 -14.24 6.63
N ILE A 390 -4.95 -14.21 7.42
CA ILE A 390 -4.99 -14.82 8.75
C ILE A 390 -5.88 -14.03 9.69
N VAL A 391 -5.77 -12.71 9.67
CA VAL A 391 -6.57 -11.85 10.55
C VAL A 391 -8.06 -12.05 10.29
N ALA A 392 -8.45 -12.05 9.02
CA ALA A 392 -9.85 -12.23 8.65
C ALA A 392 -10.31 -13.67 8.91
N GLU A 393 -9.37 -14.53 9.26
CA GLU A 393 -9.65 -15.94 9.52
C GLU A 393 -9.24 -16.34 10.95
N LEU A 394 -9.17 -15.35 11.83
CA LEU A 394 -8.94 -15.59 13.26
C LEU A 394 -10.04 -14.93 14.10
N PHE A 395 -11.03 -14.36 13.41
CA PHE A 395 -12.12 -13.64 14.08
C PHE A 395 -13.43 -13.85 13.34
N SER A 396 -14.52 -14.01 14.09
CA SER A 396 -15.84 -14.13 13.50
C SER A 396 -16.33 -12.76 13.03
N GLN A 397 -17.53 -12.72 12.45
CA GLN A 397 -18.04 -11.48 11.87
C GLN A 397 -18.25 -10.37 12.90
N GLY A 398 -18.12 -10.71 14.18
CA GLY A 398 -18.29 -9.74 15.25
C GLY A 398 -17.04 -8.93 15.53
N PRO A 399 -15.95 -9.59 15.92
CA PRO A 399 -14.68 -8.92 16.23
C PRO A 399 -13.75 -8.72 15.02
N ARG A 400 -14.06 -9.35 13.89
CA ARG A 400 -13.20 -9.26 12.71
C ARG A 400 -13.04 -7.81 12.26
N PRO A 401 -14.15 -7.05 12.18
CA PRO A 401 -14.00 -5.64 11.78
C PRO A 401 -13.01 -4.87 12.67
N ALA A 402 -13.14 -5.01 13.99
CA ALA A 402 -12.26 -4.29 14.91
C ALA A 402 -10.82 -4.77 14.79
N ALA A 403 -10.65 -6.03 14.40
CA ALA A 403 -9.33 -6.62 14.26
C ALA A 403 -8.57 -6.00 13.09
N ILE A 404 -9.27 -5.71 12.01
CA ILE A 404 -8.65 -5.11 10.82
C ILE A 404 -8.13 -3.72 11.17
N ALA A 405 -8.88 -2.98 11.96
CA ALA A 405 -8.50 -1.62 12.32
C ALA A 405 -7.20 -1.63 13.09
N VAL A 406 -7.08 -2.56 14.03
CA VAL A 406 -5.87 -2.70 14.81
C VAL A 406 -4.73 -3.14 13.90
N ALA A 407 -5.00 -4.14 13.07
CA ALA A 407 -4.02 -4.62 12.10
C ALA A 407 -3.63 -3.50 11.15
N GLY A 408 -4.62 -2.71 10.74
CA GLY A 408 -4.38 -1.57 9.87
C GLY A 408 -3.50 -0.56 10.57
N PHE A 409 -3.81 -0.29 11.83
CA PHE A 409 -3.00 0.61 12.64
C PHE A 409 -1.58 0.06 12.78
N SER A 410 -1.50 -1.24 13.01
CA SER A 410 -0.20 -1.90 13.19
C SER A 410 0.66 -1.78 11.95
N ASN A 411 0.02 -1.91 10.79
CA ASN A 411 0.72 -1.83 9.52
C ASN A 411 1.25 -0.43 9.26
N TRP A 412 0.37 0.57 9.33
CA TRP A 412 0.78 1.95 9.12
C TRP A 412 1.87 2.38 10.11
N THR A 413 1.70 2.01 11.37
CA THR A 413 2.65 2.38 12.41
C THR A 413 4.04 1.82 12.12
N SER A 414 4.10 0.52 11.85
CA SER A 414 5.36 -0.14 11.56
C SER A 414 5.92 0.32 10.21
N ASN A 415 5.03 0.73 9.31
CA ASN A 415 5.43 1.29 8.02
C ASN A 415 6.14 2.63 8.22
N PHE A 416 5.69 3.39 9.21
CA PHE A 416 6.28 4.69 9.52
C PHE A 416 7.66 4.55 10.18
N ILE A 417 7.83 3.49 10.96
CA ILE A 417 9.10 3.22 11.66
C ILE A 417 10.21 2.95 10.66
N VAL A 418 9.88 2.26 9.58
CA VAL A 418 10.87 1.93 8.56
C VAL A 418 11.22 3.17 7.74
N GLY A 419 10.21 3.72 7.08
CA GLY A 419 10.40 4.82 6.15
C GLY A 419 11.04 6.05 6.77
N MET A 420 10.88 6.22 8.07
CA MET A 420 11.38 7.40 8.76
C MET A 420 12.77 7.17 9.35
N CYS A 421 13.06 5.94 9.76
CA CYS A 421 14.28 5.63 10.51
C CYS A 421 15.32 4.86 9.69
N PHE A 422 14.91 4.28 8.56
CA PHE A 422 15.80 3.45 7.76
C PHE A 422 17.08 4.16 7.32
N GLN A 423 16.97 5.46 7.02
CA GLN A 423 18.14 6.23 6.62
C GLN A 423 19.04 6.51 7.82
N TYR A 424 18.44 6.75 8.99
CA TYR A 424 19.20 6.98 10.20
C TYR A 424 19.97 5.71 10.60
N VAL A 425 19.42 4.56 10.22
CA VAL A 425 20.07 3.27 10.45
C VAL A 425 21.11 2.99 9.38
N GLU A 426 20.86 3.47 8.17
CA GLU A 426 21.74 3.24 7.03
C GLU A 426 23.08 3.96 7.19
N GLN A 427 23.09 5.02 7.99
CA GLN A 427 24.30 5.81 8.21
C GLN A 427 25.21 5.17 9.26
N LEU A 428 24.63 4.57 10.29
CA LEU A 428 25.40 4.04 11.41
C LEU A 428 25.86 2.62 11.17
N CYS A 429 25.01 1.81 10.55
CA CYS A 429 25.29 0.39 10.37
C CYS A 429 26.04 0.06 9.09
N GLY A 430 26.10 1.02 8.17
CA GLY A 430 26.84 0.84 6.94
C GLY A 430 26.30 -0.29 6.09
N PRO A 431 27.18 -1.16 5.57
CA PRO A 431 26.69 -2.30 4.77
C PRO A 431 25.91 -3.34 5.57
N TYR A 432 25.89 -3.18 6.90
CA TYR A 432 25.25 -4.14 7.78
C TYR A 432 23.87 -3.66 8.27
N VAL A 433 22.99 -3.32 7.34
CA VAL A 433 21.65 -2.85 7.69
C VAL A 433 20.63 -3.95 7.51
N PHE A 434 20.79 -4.73 6.45
CA PHE A 434 19.84 -5.79 6.14
C PHE A 434 19.92 -6.90 7.17
N ILE A 435 20.92 -6.86 8.05
CA ILE A 435 21.00 -7.81 9.15
C ILE A 435 19.84 -7.55 10.09
N ILE A 436 19.56 -6.26 10.34
CA ILE A 436 18.43 -5.90 11.18
C ILE A 436 17.17 -6.54 10.62
N PHE A 437 17.01 -6.43 9.30
CA PHE A 437 15.91 -7.08 8.63
C PHE A 437 16.04 -8.60 8.74
N THR A 438 17.24 -9.10 8.53
CA THR A 438 17.50 -10.54 8.65
C THR A 438 17.18 -11.03 10.07
N VAL A 439 17.66 -10.31 11.08
CA VAL A 439 17.41 -10.67 12.46
C VAL A 439 15.90 -10.72 12.73
N LEU A 440 15.23 -9.60 12.51
CA LEU A 440 13.79 -9.52 12.74
C LEU A 440 13.04 -10.58 11.96
N LEU A 441 13.48 -10.82 10.72
CA LEU A 441 12.89 -11.87 9.89
C LEU A 441 13.01 -13.25 10.54
N VAL A 442 14.08 -13.48 11.30
CA VAL A 442 14.24 -14.74 12.03
C VAL A 442 13.25 -14.81 13.19
N LEU A 443 13.22 -13.77 14.01
CA LEU A 443 12.27 -13.70 15.12
C LEU A 443 10.85 -13.91 14.60
N PHE A 444 10.54 -13.30 13.47
CA PHE A 444 9.22 -13.47 12.84
C PHE A 444 9.08 -14.86 12.25
N PHE A 445 10.19 -15.51 11.94
CA PHE A 445 10.14 -16.88 11.46
C PHE A 445 9.90 -17.85 12.62
N ILE A 446 10.53 -17.58 13.76
CA ILE A 446 10.32 -18.38 14.95
C ILE A 446 8.87 -18.23 15.41
N PHE A 447 8.43 -16.98 15.51
CA PHE A 447 7.11 -16.66 16.04
C PHE A 447 5.99 -17.37 15.29
N THR A 448 6.19 -17.57 13.98
CA THR A 448 5.14 -18.14 13.14
C THR A 448 5.20 -19.67 13.11
N TYR A 449 6.39 -20.22 13.24
CA TYR A 449 6.56 -21.67 13.18
C TYR A 449 5.86 -22.36 14.35
N PHE A 450 5.66 -21.63 15.43
CA PHE A 450 5.07 -22.20 16.64
C PHE A 450 3.69 -21.64 16.97
N LYS A 451 3.58 -20.31 16.99
CA LYS A 451 2.40 -19.65 17.56
C LYS A 451 1.35 -19.24 16.52
N VAL A 452 1.63 -19.48 15.24
CA VAL A 452 0.67 -19.18 14.18
C VAL A 452 -0.01 -20.45 13.70
N PRO A 453 -1.32 -20.59 13.94
CA PRO A 453 -2.05 -21.77 13.45
C PRO A 453 -2.48 -21.62 11.99
N GLU A 454 -2.33 -22.69 11.21
CA GLU A 454 -2.76 -22.69 9.81
C GLU A 454 -4.28 -22.54 9.72
N THR A 455 -4.75 -21.90 8.66
CA THR A 455 -6.19 -21.75 8.42
C THR A 455 -6.51 -21.94 6.94
#